data_5TKT
#
_entry.id   5TKT
#
_cell.length_a   78.700
_cell.length_b   78.700
_cell.length_c   106.000
_cell.angle_alpha   90.000
_cell.angle_beta   90.000
_cell.angle_gamma   120.000
#
_symmetry.space_group_name_H-M   'P 32 2 1'
#
loop_
_entity.id
_entity.type
_entity.pdbx_description
1 polymer 'Factor XIa (Light Chain)'
2 non-polymer 'METHYL ((12E,15S)-15-(((2E)-3-(5-CHLORO-2-(1H-TETRAZOL-1-YL)PHENYL)-2-PROPENOYL)AMINO)-9-OXO-8,17,19-TRIAZATRICYCLO[14.2.1.0~2, 7~]NONADECA-1(18),2,4,6,12,16(19)-HEXAEN-5-YL)CARBAMATE'
3 non-polymer 'SULFATE ION'
4 non-polymer 1,2-ETHANEDIOL
5 water water
#
_entity_poly.entity_id   1
_entity_poly.type   'polypeptide(L)'
_entity_poly.pdbx_seq_one_letter_code
;IVGGTASVRGEWPWQVTLHTTSPTQRHLCGGSIIGNQWILTAAHCFYGVESPKILRVYSGILNQSEIKEDTSFFGVQEII
IHDQYKMAESGYDIALLKLETTVGYGDSQRPICLPSKGDRNVIYTDCWVTGWGYRKLRDKIQNTLQKAKIPLVTNEECQK
RYRGHKITHKMICAGYREGGKDACKGDSGGPLSCKHNEVWHLVGITSWGEGCAQRERPGVYTNVVEYVDWILEKTQAVHH
HHHH
;
_entity_poly.pdbx_strand_id   A
#
loop_
_chem_comp.id
_chem_comp.type
_chem_comp.name
_chem_comp.formula
7DS non-polymer 'METHYL ((12E,15S)-15-(((2E)-3-(5-CHLORO-2-(1H-TETRAZOL-1-YL)PHENYL)-2-PROPENOYL)AMINO)-9-OXO-8,17,19-TRIAZATRICYCLO[14.2.1.0~2, 7~]NONADECA-1(18),2,4,6,12,16(19)-HEXAEN-5-YL)CARBAMATE' 'C28 H26 Cl N9 O4'
EDO non-polymer 1,2-ETHANEDIOL 'C2 H6 O2'
SO4 non-polymer 'SULFATE ION' 'O4 S -2'
#
# COMPACT_ATOMS: atom_id res chain seq x y z
N ILE A 1 -11.35 2.27 0.65
CA ILE A 1 -11.15 3.64 0.16
C ILE A 1 -12.45 4.41 0.39
N VAL A 2 -12.33 5.63 0.97
CA VAL A 2 -13.49 6.51 1.21
C VAL A 2 -13.51 7.55 0.09
N GLY A 3 -14.69 7.84 -0.43
CA GLY A 3 -14.91 8.86 -1.47
C GLY A 3 -14.21 8.55 -2.77
N GLY A 4 -13.98 7.27 -3.03
CA GLY A 4 -13.29 6.90 -4.25
C GLY A 4 -14.24 6.47 -5.35
N THR A 5 -13.68 6.00 -6.46
CA THR A 5 -14.47 5.49 -7.55
C THR A 5 -13.86 4.19 -8.06
N ALA A 6 -14.66 3.39 -8.78
CA ALA A 6 -14.25 2.13 -9.35
C ALA A 6 -13.05 2.34 -10.27
N SER A 7 -12.03 1.48 -10.15
CA SER A 7 -10.91 1.53 -11.08
C SER A 7 -11.36 0.78 -12.34
N VAL A 8 -10.61 0.98 -13.41
CA VAL A 8 -10.79 0.29 -14.68
C VAL A 8 -9.76 -0.88 -14.66
N ARG A 9 -10.07 -2.04 -15.29
CA ARG A 9 -9.10 -3.12 -15.33
C ARG A 9 -7.80 -2.65 -16.01
N GLY A 10 -6.66 -2.97 -15.40
CA GLY A 10 -5.33 -2.63 -15.90
C GLY A 10 -4.82 -1.26 -15.52
N GLU A 11 -5.64 -0.49 -14.80
CA GLU A 11 -5.30 0.87 -14.36
C GLU A 11 -4.15 0.90 -13.35
N TRP A 12 -4.13 -0.05 -12.40
CA TRP A 12 -3.09 -0.09 -11.34
C TRP A 12 -2.47 -1.49 -11.36
N PRO A 13 -1.71 -1.83 -12.44
CA PRO A 13 -1.29 -3.24 -12.60
C PRO A 13 -0.23 -3.73 -11.61
N TRP A 14 0.31 -2.82 -10.77
CA TRP A 14 1.25 -3.20 -9.70
C TRP A 14 0.45 -3.53 -8.44
N GLN A 15 -0.84 -3.13 -8.36
CA GLN A 15 -1.68 -3.42 -7.18
C GLN A 15 -1.96 -4.91 -7.04
N VAL A 16 -1.72 -5.47 -5.84
CA VAL A 16 -2.07 -6.85 -5.55
C VAL A 16 -3.02 -6.89 -4.35
N THR A 17 -3.71 -8.01 -4.20
CA THR A 17 -4.50 -8.34 -3.04
C THR A 17 -3.82 -9.50 -2.35
N LEU A 18 -3.37 -9.28 -1.11
CA LEU A 18 -2.72 -10.30 -0.30
C LEU A 18 -3.81 -10.96 0.56
N HIS A 19 -3.95 -12.28 0.42
CA HIS A 19 -4.95 -13.04 1.18
C HIS A 19 -4.28 -13.89 2.21
N THR A 20 -5.00 -14.13 3.29
CA THR A 20 -4.59 -15.08 4.30
C THR A 20 -5.55 -16.25 4.09
N THR A 21 -5.11 -17.45 4.41
CA THR A 21 -5.83 -18.70 4.31
C THR A 21 -6.33 -19.22 5.70
N SER A 22 -5.79 -18.68 6.80
CA SER A 22 -6.07 -19.06 8.19
C SER A 22 -6.90 -18.05 8.97
N PRO A 23 -8.04 -18.45 9.61
CA PRO A 23 -8.65 -19.80 9.64
C PRO A 23 -9.36 -20.16 8.33
N THR A 24 -9.88 -19.13 7.61
CA THR A 24 -10.54 -19.23 6.30
C THR A 24 -9.91 -18.18 5.37
N GLN A 25 -10.08 -18.33 4.05
CA GLN A 25 -9.47 -17.39 3.13
C GLN A 25 -10.20 -16.06 3.04
N ARG A 26 -9.45 -14.97 3.22
CA ARG A 26 -10.00 -13.62 3.11
C ARG A 26 -8.88 -12.66 2.71
N HIS A 27 -9.27 -11.51 2.14
CA HIS A 27 -8.33 -10.44 1.82
C HIS A 27 -7.70 -9.97 3.16
N LEU A 28 -6.38 -9.78 3.18
CA LEU A 28 -5.64 -9.31 4.36
C LEU A 28 -5.17 -7.87 4.18
N CYS A 29 -4.51 -7.61 3.05
CA CYS A 29 -3.87 -6.31 2.80
C CYS A 29 -3.67 -6.09 1.32
N GLY A 30 -3.35 -4.86 0.96
CA GLY A 30 -2.90 -4.51 -0.38
C GLY A 30 -1.38 -4.67 -0.43
N GLY A 31 -0.83 -4.56 -1.62
CA GLY A 31 0.60 -4.61 -1.87
C GLY A 31 0.89 -4.11 -3.26
N SER A 32 2.17 -3.90 -3.57
CA SER A 32 2.63 -3.43 -4.88
C SER A 32 3.71 -4.32 -5.43
N ILE A 33 3.61 -4.67 -6.72
CA ILE A 33 4.68 -5.43 -7.40
C ILE A 33 5.82 -4.43 -7.62
N ILE A 34 7.03 -4.74 -7.16
CA ILE A 34 8.18 -3.85 -7.37
C ILE A 34 9.33 -4.56 -8.14
N GLY A 35 9.25 -5.87 -8.25
CA GLY A 35 10.25 -6.72 -8.91
C GLY A 35 9.56 -8.03 -9.25
N ASN A 36 10.19 -8.90 -10.07
CA ASN A 36 9.46 -10.07 -10.53
C ASN A 36 9.27 -11.17 -9.46
N GLN A 37 9.82 -10.99 -8.26
CA GLN A 37 9.51 -11.94 -7.18
C GLN A 37 9.27 -11.14 -5.90
N TRP A 38 8.96 -9.84 -6.04
CA TRP A 38 8.87 -8.94 -4.89
C TRP A 38 7.61 -8.11 -4.79
N ILE A 39 6.98 -8.19 -3.61
CA ILE A 39 5.82 -7.36 -3.27
C ILE A 39 6.24 -6.46 -2.12
N LEU A 40 5.97 -5.15 -2.25
CA LEU A 40 6.21 -4.20 -1.17
C LEU A 40 4.86 -3.93 -0.50
N THR A 41 4.83 -4.02 0.83
CA THR A 41 3.61 -3.89 1.61
C THR A 41 3.92 -3.32 3.01
N ALA A 42 2.91 -3.33 3.91
CA ALA A 42 3.09 -2.80 5.27
C ALA A 42 3.46 -3.92 6.26
N ALA A 43 4.40 -3.62 7.17
CA ALA A 43 4.79 -4.58 8.20
C ALA A 43 3.60 -4.97 9.11
N HIS A 44 2.72 -4.01 9.48
CA HIS A 44 1.59 -4.29 10.40
C HIS A 44 0.58 -5.33 9.88
N CYS A 45 0.60 -5.59 8.57
CA CYS A 45 -0.24 -6.62 7.93
C CYS A 45 0.04 -8.02 8.50
N PHE A 46 1.26 -8.27 9.00
CA PHE A 46 1.65 -9.60 9.46
C PHE A 46 1.49 -9.81 10.95
N TYR A 47 0.71 -8.94 11.63
CA TYR A 47 0.46 -9.11 13.06
C TYR A 47 -0.22 -10.48 13.24
N GLY A 48 0.37 -11.35 14.05
CA GLY A 48 -0.18 -12.69 14.26
C GLY A 48 0.02 -13.68 13.10
N VAL A 49 0.73 -13.29 12.00
CA VAL A 49 1.00 -14.21 10.89
C VAL A 49 2.27 -14.96 11.29
N GLU A 50 2.14 -16.24 11.62
CA GLU A 50 3.27 -17.04 12.12
C GLU A 50 4.10 -17.69 11.01
N SER A 51 3.55 -17.74 9.79
CA SER A 51 4.23 -18.41 8.68
C SER A 51 3.84 -17.80 7.34
N PRO A 52 4.75 -17.81 6.34
CA PRO A 52 4.36 -17.32 4.99
C PRO A 52 3.49 -18.34 4.24
N LYS A 53 3.39 -19.57 4.77
CA LYS A 53 2.61 -20.68 4.20
C LYS A 53 1.13 -20.38 4.09
N ILE A 54 0.61 -19.50 4.95
CA ILE A 54 -0.82 -19.13 4.93
C ILE A 54 -1.14 -17.98 3.97
N LEU A 55 -0.12 -17.44 3.27
CA LEU A 55 -0.31 -16.28 2.41
C LEU A 55 -0.46 -16.61 0.93
N ARG A 56 -1.30 -15.83 0.22
CA ARG A 56 -1.53 -15.95 -1.23
C ARG A 56 -1.57 -14.56 -1.82
N VAL A 57 -0.74 -14.33 -2.83
CA VAL A 57 -0.68 -13.04 -3.52
C VAL A 57 -1.42 -13.18 -4.84
N TYR A 58 -2.44 -12.36 -5.07
CA TYR A 58 -3.16 -12.37 -6.35
C TYR A 58 -2.87 -11.09 -7.07
N SER A 59 -2.35 -11.19 -8.30
CA SER A 59 -2.05 -10.05 -9.15
C SER A 59 -3.07 -10.07 -10.29
N GLY A 60 -3.17 -8.98 -11.06
CA GLY A 60 -4.10 -8.92 -12.20
C GLY A 60 -5.56 -9.02 -11.82
N ILE A 61 -5.90 -8.57 -10.61
CA ILE A 61 -7.27 -8.64 -10.13
C ILE A 61 -7.90 -7.24 -10.13
N LEU A 62 -9.12 -7.11 -10.68
CA LEU A 62 -9.91 -5.91 -10.55
C LEU A 62 -10.95 -6.19 -9.45
N ASN A 63 -11.66 -7.31 -9.60
CA ASN A 63 -12.74 -7.71 -8.71
C ASN A 63 -12.36 -8.86 -7.81
N GLN A 64 -12.64 -8.75 -6.50
CA GLN A 64 -12.38 -9.85 -5.56
C GLN A 64 -13.14 -11.14 -6.00
N SER A 65 -14.29 -11.00 -6.71
CA SER A 65 -15.08 -12.15 -7.21
C SER A 65 -14.32 -12.98 -8.27
N GLU A 66 -13.18 -12.46 -8.81
CA GLU A 66 -12.33 -13.21 -9.75
C GLU A 66 -11.60 -14.32 -8.99
N ILE A 67 -11.49 -14.18 -7.66
CA ILE A 67 -10.76 -15.12 -6.81
C ILE A 67 -11.65 -16.26 -6.32
N LYS A 68 -11.36 -17.48 -6.78
CA LYS A 68 -12.03 -18.71 -6.35
C LYS A 68 -10.92 -19.72 -6.06
N GLU A 69 -11.28 -20.97 -5.67
CA GLU A 69 -10.28 -22.01 -5.41
C GLU A 69 -9.39 -22.32 -6.62
N ASP A 70 -9.91 -22.15 -7.84
CA ASP A 70 -9.16 -22.47 -9.09
C ASP A 70 -8.35 -21.26 -9.63
N THR A 71 -8.38 -20.09 -8.95
CA THR A 71 -7.66 -18.88 -9.39
C THR A 71 -6.20 -18.99 -9.06
N SER A 72 -5.31 -18.72 -10.04
CA SER A 72 -3.87 -18.79 -9.76
C SER A 72 -3.43 -17.66 -8.84
N PHE A 73 -2.42 -17.94 -8.03
CA PHE A 73 -1.85 -16.98 -7.07
C PHE A 73 -0.36 -17.26 -6.97
N PHE A 74 0.38 -16.39 -6.28
CA PHE A 74 1.80 -16.59 -6.00
C PHE A 74 1.92 -16.95 -4.53
N GLY A 75 2.66 -18.02 -4.26
CA GLY A 75 2.99 -18.40 -2.90
C GLY A 75 4.06 -17.44 -2.38
N VAL A 76 4.19 -17.33 -1.07
CA VAL A 76 5.19 -16.47 -0.45
C VAL A 76 6.27 -17.37 0.17
N GLN A 77 7.51 -17.18 -0.26
CA GLN A 77 8.68 -17.90 0.22
C GLN A 77 9.16 -17.25 1.54
N GLU A 78 9.12 -15.92 1.61
CA GLU A 78 9.66 -15.24 2.78
C GLU A 78 8.96 -13.92 3.04
N ILE A 79 8.78 -13.61 4.35
CA ILE A 79 8.23 -12.34 4.82
C ILE A 79 9.42 -11.58 5.42
N ILE A 80 9.75 -10.40 4.88
CA ILE A 80 10.87 -9.60 5.38
C ILE A 80 10.28 -8.32 5.98
N ILE A 81 10.33 -8.20 7.31
CA ILE A 81 9.81 -7.02 8.02
C ILE A 81 11.00 -6.18 8.44
N HIS A 82 10.90 -4.83 8.26
CA HIS A 82 11.98 -3.94 8.68
C HIS A 82 12.29 -4.25 10.16
N ASP A 83 13.56 -4.48 10.51
CA ASP A 83 13.82 -4.90 11.89
C ASP A 83 13.74 -3.76 12.92
N GLN A 84 13.48 -2.49 12.49
CA GLN A 84 13.23 -1.41 13.45
C GLN A 84 11.70 -1.26 13.67
N TYR A 85 10.89 -2.01 12.92
CA TYR A 85 9.42 -1.92 13.04
C TYR A 85 8.91 -2.39 14.41
N LYS A 86 8.07 -1.57 15.05
CA LYS A 86 7.39 -1.93 16.29
C LYS A 86 5.87 -1.84 16.03
N MET A 87 5.43 -0.73 15.42
CA MET A 87 4.01 -0.52 15.15
C MET A 87 3.85 0.53 14.08
N ALA A 88 2.70 0.52 13.37
CA ALA A 88 2.43 1.49 12.28
C ALA A 88 2.65 2.94 12.70
N GLU A 89 2.12 3.32 13.88
CA GLU A 89 2.20 4.70 14.37
C GLU A 89 3.61 5.19 14.70
N SER A 90 4.58 4.26 14.85
CA SER A 90 5.97 4.64 15.13
C SER A 90 6.86 4.57 13.87
N GLY A 91 6.28 4.21 12.73
CA GLY A 91 7.04 4.15 11.48
C GLY A 91 7.69 2.82 11.20
N TYR A 92 8.62 2.80 10.21
CA TYR A 92 9.29 1.58 9.72
C TYR A 92 8.22 0.55 9.30
N ASP A 93 7.03 1.06 8.89
CA ASP A 93 5.92 0.16 8.52
C ASP A 93 6.09 -0.28 7.07
N ILE A 94 7.03 -1.20 6.89
CA ILE A 94 7.38 -1.68 5.58
C ILE A 94 7.81 -3.12 5.66
N ALA A 95 7.39 -3.90 4.66
CA ALA A 95 7.74 -5.30 4.56
C ALA A 95 7.83 -5.68 3.09
N LEU A 96 8.62 -6.72 2.81
CA LEU A 96 8.77 -7.31 1.48
C LEU A 96 8.30 -8.75 1.54
N LEU A 97 7.63 -9.19 0.49
CA LEU A 97 7.26 -10.58 0.33
C LEU A 97 8.10 -11.09 -0.81
N LYS A 98 8.91 -12.12 -0.54
CA LYS A 98 9.67 -12.79 -1.59
C LYS A 98 8.76 -13.90 -2.10
N LEU A 99 8.39 -13.84 -3.38
CA LEU A 99 7.46 -14.84 -3.94
C LEU A 99 8.17 -16.15 -4.29
N GLU A 100 7.44 -17.29 -4.18
CA GLU A 100 7.97 -18.64 -4.47
C GLU A 100 8.27 -18.80 -5.96
N THR A 101 7.53 -18.08 -6.81
CA THR A 101 7.75 -18.11 -8.26
C THR A 101 7.77 -16.66 -8.75
N THR A 102 8.17 -16.51 -10.02
CA THR A 102 8.34 -15.27 -10.75
C THR A 102 7.02 -14.79 -11.39
N VAL A 103 6.75 -13.47 -11.30
CA VAL A 103 5.61 -12.82 -11.94
C VAL A 103 6.01 -12.61 -13.40
N GLY A 104 5.17 -13.07 -14.32
CA GLY A 104 5.39 -12.83 -15.75
C GLY A 104 4.71 -11.52 -16.04
N TYR A 105 5.48 -10.51 -16.47
CA TYR A 105 4.96 -9.17 -16.72
C TYR A 105 4.08 -9.12 -17.98
N GLY A 106 3.04 -8.31 -17.90
CA GLY A 106 2.13 -8.08 -19.02
C GLY A 106 1.26 -6.89 -18.70
N ASP A 107 0.28 -6.59 -19.56
CA ASP A 107 -0.62 -5.44 -19.37
C ASP A 107 -1.52 -5.55 -18.09
N SER A 108 -1.68 -6.75 -17.53
CA SER A 108 -2.48 -6.97 -16.29
C SER A 108 -1.67 -6.96 -14.99
N GLN A 109 -0.33 -7.14 -15.09
CA GLN A 109 0.53 -7.25 -13.90
C GLN A 109 1.94 -6.84 -14.26
N ARG A 110 2.39 -5.74 -13.67
CA ARG A 110 3.71 -5.20 -13.95
C ARG A 110 4.19 -4.32 -12.80
N PRO A 111 5.51 -4.04 -12.68
CA PRO A 111 5.98 -3.30 -11.49
C PRO A 111 5.79 -1.82 -11.56
N ILE A 112 5.76 -1.18 -10.36
CA ILE A 112 5.73 0.26 -10.26
C ILE A 112 7.18 0.65 -9.92
N CYS A 113 7.70 1.75 -10.50
CA CYS A 113 9.04 2.29 -10.24
C CYS A 113 9.09 2.78 -8.80
N LEU A 114 10.22 2.57 -8.16
CA LEU A 114 10.44 3.11 -6.83
C LEU A 114 10.78 4.59 -7.02
N PRO A 115 10.59 5.48 -6.03
CA PRO A 115 11.03 6.87 -6.23
C PRO A 115 12.56 6.96 -6.34
N SER A 116 13.04 8.00 -7.02
CA SER A 116 14.48 8.25 -7.14
C SER A 116 14.90 9.13 -5.95
N LYS A 117 16.10 8.86 -5.39
CA LYS A 117 16.69 9.61 -4.27
C LYS A 117 16.86 11.10 -4.63
N GLY A 118 17.16 11.36 -5.91
CA GLY A 118 17.30 12.70 -6.46
C GLY A 118 15.96 13.41 -6.57
N ASP A 119 14.87 12.64 -6.63
CA ASP A 119 13.50 13.15 -6.71
C ASP A 119 12.84 13.31 -5.31
N ARG A 120 13.65 13.30 -4.23
CA ARG A 120 13.15 13.51 -2.87
C ARG A 120 12.67 14.98 -2.72
N ASN A 121 13.09 15.85 -3.68
CA ASN A 121 12.76 17.27 -3.77
C ASN A 121 11.58 17.59 -4.69
N VAL A 122 11.21 16.66 -5.62
CA VAL A 122 10.10 16.89 -6.56
C VAL A 122 8.75 16.99 -5.82
N ILE A 123 7.84 17.83 -6.36
CA ILE A 123 6.52 18.04 -5.78
C ILE A 123 5.52 17.24 -6.59
N TYR A 124 4.93 16.22 -5.97
CA TYR A 124 3.97 15.35 -6.63
C TYR A 124 2.60 15.96 -6.46
N THR A 125 1.91 16.18 -7.60
CA THR A 125 0.58 16.79 -7.63
C THR A 125 -0.48 15.82 -8.17
N ASP A 126 -0.07 14.62 -8.60
CA ASP A 126 -1.03 13.66 -9.17
C ASP A 126 -0.87 12.29 -8.46
N CYS A 127 -1.39 12.19 -7.20
CA CYS A 127 -1.29 11.04 -6.30
C CYS A 127 -2.61 10.38 -6.06
N TRP A 128 -2.61 9.05 -6.11
CA TRP A 128 -3.79 8.22 -5.94
C TRP A 128 -3.57 7.08 -4.97
N VAL A 129 -4.55 6.84 -4.11
CA VAL A 129 -4.56 5.75 -3.15
C VAL A 129 -5.60 4.76 -3.67
N THR A 130 -5.23 3.47 -3.70
CA THR A 130 -6.08 2.40 -4.24
C THR A 130 -6.23 1.24 -3.27
N GLY A 131 -7.33 0.52 -3.39
CA GLY A 131 -7.55 -0.65 -2.55
C GLY A 131 -8.96 -1.17 -2.56
N TRP A 132 -9.15 -2.35 -1.93
CA TRP A 132 -10.47 -2.98 -1.77
C TRP A 132 -11.02 -2.75 -0.35
N GLY A 133 -10.43 -1.82 0.39
CA GLY A 133 -10.84 -1.52 1.76
C GLY A 133 -12.22 -0.91 1.91
N TYR A 134 -12.62 -0.68 3.16
CA TYR A 134 -13.91 -0.14 3.59
C TYR A 134 -14.12 1.25 2.99
N ARG A 135 -15.38 1.65 2.82
CA ARG A 135 -15.75 2.98 2.28
C ARG A 135 -16.03 3.92 3.44
N LYS A 136 -16.01 3.38 4.66
CA LYS A 136 -16.24 4.10 5.92
C LYS A 136 -15.85 3.17 7.04
N LEU A 137 -15.69 3.71 8.27
CA LEU A 137 -15.24 2.97 9.43
C LEU A 137 -15.94 1.63 9.63
N ARG A 138 -17.27 1.57 9.58
CA ARG A 138 -17.93 0.26 9.73
C ARG A 138 -18.54 -0.13 8.40
N ASP A 139 -17.81 -0.93 7.66
CA ASP A 139 -18.21 -1.33 6.32
C ASP A 139 -17.71 -2.74 6.06
N LYS A 140 -17.31 -3.03 4.82
CA LYS A 140 -16.85 -4.34 4.40
C LYS A 140 -15.90 -4.16 3.23
N ILE A 141 -15.09 -5.19 2.97
CA ILE A 141 -14.17 -5.20 1.83
C ILE A 141 -15.01 -5.04 0.55
N GLN A 142 -14.55 -4.19 -0.37
CA GLN A 142 -15.25 -3.93 -1.62
C GLN A 142 -14.84 -4.94 -2.69
N ASN A 143 -15.78 -5.30 -3.58
CA ASN A 143 -15.48 -6.23 -4.68
C ASN A 143 -14.53 -5.57 -5.69
N THR A 144 -14.85 -4.37 -6.16
CA THR A 144 -14.08 -3.65 -7.18
C THR A 144 -13.00 -2.77 -6.57
N LEU A 145 -11.75 -2.88 -7.11
CA LEU A 145 -10.65 -2.01 -6.67
C LEU A 145 -11.08 -0.53 -6.81
N GLN A 146 -10.96 0.25 -5.71
CA GLN A 146 -11.30 1.67 -5.74
C GLN A 146 -10.07 2.52 -5.83
N LYS A 147 -10.23 3.76 -6.30
CA LYS A 147 -9.17 4.76 -6.39
C LYS A 147 -9.71 6.08 -5.89
N ALA A 148 -8.82 6.91 -5.34
CA ALA A 148 -9.14 8.26 -4.91
C ALA A 148 -7.89 9.10 -5.08
N LYS A 149 -8.04 10.29 -5.68
CA LYS A 149 -6.95 11.23 -5.89
C LYS A 149 -6.84 12.04 -4.61
N ILE A 150 -5.65 12.12 -4.02
CA ILE A 150 -5.47 12.80 -2.75
CA ILE A 150 -5.45 12.83 -2.75
C ILE A 150 -4.23 13.70 -2.78
N PRO A 151 -4.28 14.95 -2.23
CA PRO A 151 -3.06 15.77 -2.26
C PRO A 151 -2.10 15.37 -1.14
N LEU A 152 -0.80 15.46 -1.40
CA LEU A 152 0.23 15.27 -0.38
C LEU A 152 0.18 16.48 0.55
N VAL A 153 0.53 16.25 1.81
CA VAL A 153 0.53 17.24 2.89
C VAL A 153 1.96 17.31 3.42
N THR A 154 2.47 18.53 3.71
CA THR A 154 3.84 18.65 4.24
C THR A 154 3.94 17.96 5.63
N ASN A 155 5.14 17.56 6.02
CA ASN A 155 5.40 16.97 7.32
C ASN A 155 4.96 17.91 8.45
N GLU A 156 5.24 19.23 8.30
CA GLU A 156 4.87 20.27 9.28
C GLU A 156 3.36 20.34 9.46
N GLU A 157 2.59 20.36 8.38
CA GLU A 157 1.14 20.37 8.51
C GLU A 157 0.61 19.05 9.07
N CYS A 158 1.19 17.90 8.65
CA CYS A 158 0.75 16.61 9.17
C CYS A 158 1.01 16.49 10.66
N GLN A 159 2.16 17.01 11.13
CA GLN A 159 2.49 16.98 12.55
C GLN A 159 1.45 17.81 13.36
N LYS A 160 1.02 18.99 12.83
CA LYS A 160 -0.01 19.83 13.47
C LYS A 160 -1.31 19.04 13.63
N ARG A 161 -1.62 18.18 12.64
CA ARG A 161 -2.84 17.37 12.63
C ARG A 161 -2.81 16.19 13.58
N TYR A 162 -1.61 15.76 13.98
CA TYR A 162 -1.43 14.61 14.85
C TYR A 162 -0.67 14.96 16.10
N ARG A 163 -1.29 15.77 16.95
CA ARG A 163 -0.72 16.13 18.25
C ARG A 163 -0.64 14.87 19.12
N GLY A 164 0.49 14.64 19.74
CA GLY A 164 0.63 13.43 20.53
C GLY A 164 1.34 12.34 19.78
N HIS A 165 1.50 12.49 18.44
CA HIS A 165 2.29 11.55 17.63
C HIS A 165 3.56 12.24 17.21
N LYS A 166 4.55 11.47 16.79
CA LYS A 166 5.76 12.02 16.22
C LYS A 166 5.71 11.64 14.73
N ILE A 167 5.37 12.61 13.86
CA ILE A 167 5.33 12.39 12.42
C ILE A 167 6.74 12.68 11.88
N THR A 168 7.45 11.61 11.53
CA THR A 168 8.83 11.71 11.06
C THR A 168 8.87 11.90 9.55
N HIS A 169 10.05 12.23 9.01
CA HIS A 169 10.26 12.39 7.58
C HIS A 169 10.28 11.03 6.84
N LYS A 170 10.23 9.90 7.60
CA LYS A 170 10.09 8.53 7.07
C LYS A 170 8.59 8.20 6.86
N MET A 171 7.72 9.16 7.18
CA MET A 171 6.27 9.09 6.94
C MET A 171 5.92 10.20 5.95
N ILE A 172 4.88 10.00 5.15
CA ILE A 172 4.39 11.00 4.25
C ILE A 172 2.88 11.01 4.37
N CYS A 173 2.26 12.21 4.47
CA CYS A 173 0.83 12.31 4.66
C CYS A 173 0.12 12.82 3.45
N ALA A 174 -1.16 12.45 3.35
CA ALA A 174 -1.98 12.85 2.21
C ALA A 174 -3.44 12.91 2.65
N GLY A 175 -4.10 13.98 2.26
CA GLY A 175 -5.52 14.18 2.56
C GLY A 175 -5.94 15.61 2.34
N TYR A 176 -7.27 15.80 2.21
CA TYR A 176 -7.87 17.14 2.07
C TYR A 176 -8.12 17.67 3.48
N ARG A 177 -7.91 18.97 3.68
CA ARG A 177 -8.16 19.61 4.98
C ARG A 177 -9.59 19.32 5.46
N GLU A 178 -10.55 19.31 4.53
CA GLU A 178 -11.96 19.07 4.85
C GLU A 178 -12.31 17.58 4.96
N GLY A 179 -11.34 16.70 4.67
CA GLY A 179 -11.55 15.26 4.66
C GLY A 179 -12.38 14.84 3.46
N GLY A 180 -12.96 13.64 3.51
CA GLY A 180 -13.80 13.15 2.43
C GLY A 180 -13.20 12.05 1.56
N LYS A 181 -11.88 12.05 1.39
CA LYS A 181 -11.20 11.03 0.57
C LYS A 181 -10.01 10.49 1.35
N ASP A 182 -9.89 9.18 1.43
CA ASP A 182 -8.80 8.56 2.21
C ASP A 182 -8.78 7.07 2.01
N ALA A 183 -7.78 6.43 2.60
CA ALA A 183 -7.72 4.99 2.72
C ALA A 183 -8.56 4.65 3.95
N CYS A 184 -8.92 3.38 4.10
CA CYS A 184 -9.66 2.89 5.27
CA CYS A 184 -9.67 2.87 5.25
C CYS A 184 -9.30 1.40 5.47
N LYS A 185 -9.92 0.73 6.43
CA LYS A 185 -9.68 -0.67 6.79
C LYS A 185 -9.63 -1.61 5.59
N GLY A 186 -8.51 -2.32 5.43
CA GLY A 186 -8.34 -3.25 4.31
C GLY A 186 -7.50 -2.67 3.19
N ASP A 187 -7.22 -1.36 3.25
CA ASP A 187 -6.39 -0.74 2.20
C ASP A 187 -4.90 -0.77 2.53
N SER A 188 -4.55 -0.92 3.83
CA SER A 188 -3.14 -0.84 4.24
C SER A 188 -2.24 -1.80 3.50
N GLY A 189 -1.00 -1.37 3.26
CA GLY A 189 -0.05 -2.20 2.53
C GLY A 189 -0.06 -1.85 1.05
N GLY A 190 -1.17 -1.29 0.59
CA GLY A 190 -1.33 -0.90 -0.80
C GLY A 190 -0.52 0.34 -1.16
N PRO A 191 -0.52 0.69 -2.44
CA PRO A 191 0.28 1.85 -2.87
C PRO A 191 -0.40 3.21 -2.74
N LEU A 192 0.43 4.24 -2.63
CA LEU A 192 0.08 5.65 -2.83
C LEU A 192 0.94 5.93 -4.10
N SER A 193 0.30 5.92 -5.27
CA SER A 193 1.00 6.04 -6.57
C SER A 193 0.90 7.45 -7.12
N CYS A 194 2.04 8.05 -7.46
CA CYS A 194 2.11 9.44 -7.97
C CYS A 194 2.72 9.46 -9.37
N LYS A 195 2.06 10.14 -10.30
CA LYS A 195 2.51 10.24 -11.70
C LYS A 195 3.35 11.49 -11.85
N HIS A 196 4.60 11.33 -12.31
CA HIS A 196 5.55 12.43 -12.53
C HIS A 196 6.34 12.17 -13.81
N ASN A 197 6.32 13.14 -14.75
CA ASN A 197 6.98 13.06 -16.06
C ASN A 197 6.52 11.81 -16.82
N GLU A 198 5.20 11.56 -16.81
CA GLU A 198 4.48 10.43 -17.44
C GLU A 198 4.84 9.04 -16.84
N VAL A 199 5.54 9.00 -15.69
CA VAL A 199 5.95 7.76 -15.02
C VAL A 199 5.30 7.69 -13.64
N TRP A 200 4.75 6.52 -13.28
CA TRP A 200 4.17 6.31 -11.97
C TRP A 200 5.27 5.88 -11.01
N HIS A 201 5.25 6.44 -9.80
CA HIS A 201 6.23 6.14 -8.77
C HIS A 201 5.53 5.71 -7.50
N LEU A 202 6.10 4.73 -6.78
CA LEU A 202 5.55 4.25 -5.52
C LEU A 202 6.00 5.20 -4.42
N VAL A 203 5.21 6.22 -4.16
CA VAL A 203 5.59 7.26 -3.20
C VAL A 203 5.30 6.84 -1.77
N GLY A 204 4.18 6.16 -1.56
CA GLY A 204 3.82 5.76 -0.21
C GLY A 204 3.24 4.37 -0.09
N ILE A 205 3.24 3.85 1.15
CA ILE A 205 2.58 2.58 1.48
C ILE A 205 1.51 2.95 2.51
N THR A 206 0.22 2.67 2.21
CA THR A 206 -0.90 2.95 3.12
C THR A 206 -0.63 2.35 4.50
N SER A 207 -0.60 3.20 5.54
CA SER A 207 -0.22 2.75 6.88
C SER A 207 -1.29 2.97 7.92
N TRP A 208 -1.57 4.24 8.28
CA TRP A 208 -2.56 4.49 9.34
C TRP A 208 -3.17 5.90 9.27
N GLY A 209 -4.21 6.12 10.07
CA GLY A 209 -4.88 7.41 10.23
C GLY A 209 -5.77 7.36 11.45
N GLU A 210 -6.21 8.54 11.98
CA GLU A 210 -7.19 8.54 13.08
C GLU A 210 -8.56 8.60 12.39
N GLY A 211 -9.24 7.46 12.37
CA GLY A 211 -10.49 7.28 11.65
C GLY A 211 -10.20 7.28 10.16
N CYS A 212 -11.22 7.45 9.32
CA CYS A 212 -11.06 7.45 7.85
CA CYS A 212 -10.96 7.52 7.88
C CYS A 212 -11.63 8.71 7.25
N ALA A 213 -10.86 9.42 6.42
CA ALA A 213 -11.29 10.62 5.69
C ALA A 213 -11.85 11.71 6.58
N GLN A 214 -11.38 11.79 7.84
CA GLN A 214 -11.91 12.84 8.72
C GLN A 214 -11.23 14.15 8.36
N ARG A 215 -11.96 15.24 8.59
CA ARG A 215 -11.46 16.59 8.43
C ARG A 215 -10.18 16.72 9.28
N GLU A 216 -9.14 17.30 8.69
CA GLU A 216 -7.87 17.58 9.37
C GLU A 216 -7.17 16.34 9.97
N ARG A 217 -7.38 15.17 9.36
CA ARG A 217 -6.74 13.91 9.76
C ARG A 217 -6.23 13.25 8.47
N PRO A 218 -5.09 13.71 7.94
CA PRO A 218 -4.57 13.07 6.70
C PRO A 218 -4.19 11.63 6.94
N GLY A 219 -4.24 10.82 5.89
CA GLY A 219 -3.79 9.44 5.94
C GLY A 219 -2.28 9.49 6.06
N VAL A 220 -1.69 8.58 6.83
CA VAL A 220 -0.23 8.52 7.04
C VAL A 220 0.28 7.30 6.29
N TYR A 221 1.31 7.54 5.46
CA TYR A 221 1.90 6.55 4.59
C TYR A 221 3.37 6.39 4.90
N THR A 222 3.92 5.18 4.67
CA THR A 222 5.36 4.98 4.76
C THR A 222 5.96 5.77 3.55
N ASN A 223 6.93 6.63 3.82
CA ASN A 223 7.57 7.47 2.78
C ASN A 223 8.62 6.62 2.10
N VAL A 224 8.23 5.95 0.99
CA VAL A 224 9.04 4.94 0.28
C VAL A 224 10.45 5.45 -0.13
N VAL A 225 10.59 6.71 -0.57
CA VAL A 225 11.91 7.27 -0.96
C VAL A 225 12.94 7.08 0.17
N GLU A 226 12.51 7.15 1.45
CA GLU A 226 13.40 7.00 2.61
C GLU A 226 13.83 5.55 2.86
N TYR A 227 13.25 4.59 2.11
CA TYR A 227 13.54 3.17 2.25
C TYR A 227 14.11 2.51 1.02
N VAL A 228 14.42 3.29 -0.02
CA VAL A 228 14.98 2.74 -1.27
C VAL A 228 16.25 1.90 -1.00
N ASP A 229 17.18 2.40 -0.17
CA ASP A 229 18.40 1.63 0.15
C ASP A 229 18.09 0.35 0.90
N TRP A 230 17.11 0.39 1.82
CA TRP A 230 16.68 -0.80 2.58
C TRP A 230 16.08 -1.81 1.60
N ILE A 231 15.24 -1.36 0.64
CA ILE A 231 14.61 -2.26 -0.35
C ILE A 231 15.72 -2.96 -1.20
N LEU A 232 16.68 -2.15 -1.71
CA LEU A 232 17.80 -2.67 -2.52
C LEU A 232 18.66 -3.63 -1.69
N GLU A 233 18.85 -3.34 -0.39
CA GLU A 233 19.60 -4.25 0.51
C GLU A 233 18.98 -5.65 0.53
N LYS A 234 17.66 -5.70 0.67
CA LYS A 234 16.92 -6.95 0.75
C LYS A 234 16.69 -7.65 -0.58
N THR A 235 16.42 -6.89 -1.68
CA THR A 235 16.14 -7.47 -3.01
C THR A 235 17.38 -7.74 -3.88
N GLN A 236 18.50 -7.03 -3.63
CA GLN A 236 19.73 -7.17 -4.41
C GLN A 236 20.85 -7.81 -3.60
N ALA A 237 20.52 -8.62 -2.58
CA ALA A 237 21.53 -9.29 -1.75
C ALA A 237 22.38 -10.22 -2.63
N VAL A 238 23.71 -10.23 -2.42
CA VAL A 238 24.59 -11.09 -3.22
C VAL A 238 24.49 -12.56 -2.77
C13 7DS B . -5.84 2.10 7.90
C18 7DS B . -5.45 -2.14 8.80
C15 7DS B . -5.88 -0.33 7.23
C19 7DS B . -6.77 -2.87 8.79
C20 7DS B . -4.73 -2.38 10.13
C21 7DS B . -8.91 -5.46 7.65
C22 7DS B . -10.28 -5.43 7.38
C23 7DS B . -10.89 -6.43 6.66
C24 7DS B . -10.15 -7.52 6.19
C34 7DS B . -4.05 -6.26 9.80
C33 7DS B . -4.19 -4.81 9.52
CL1 7DS B . -3.70 6.00 5.28
C2 7DS B . -6.89 5.73 7.68
C3 7DS B . -5.92 6.22 6.82
C4 7DS B . -4.94 5.38 6.36
C5 7DS B . -4.89 4.05 6.72
C6 7DS B . -5.86 3.54 7.60
C7 7DS B . -6.86 4.41 8.09
N8 7DS B . -7.83 3.94 9.03
C9 7DS B . -8.10 4.29 10.29
N10 7DS B . -9.03 3.53 10.78
N11 7DS B . -9.36 2.67 9.77
N12 7DS B . -8.64 2.90 8.71
C14 7DS B . -5.91 1.13 6.99
O16 7DS B . -6.17 -1.14 6.35
N17 7DS B . -5.60 -0.72 8.49
C25 7DS B . -8.80 -7.59 6.48
C26 7DS B . -8.17 -6.58 7.20
N27 7DS B . -7.72 -2.74 9.74
C28 7DS B . -8.69 -3.66 9.49
C29 7DS B . -8.30 -4.33 8.36
N30 7DS B . -7.09 -3.82 7.93
N31 7DS B . -6.78 -6.71 7.49
C32 7DS B . -4.53 -3.86 10.41
C35 7DS B . -4.78 -7.16 8.77
C36 7DS B . -6.26 -6.86 8.73
N37 7DS B . -10.70 -8.63 5.49
C38 7DS B . -12.01 -8.96 5.37
O39 7DS B . -12.13 -9.98 4.50
O40 7DS B . -12.93 -8.44 5.96
C41 7DS B . -13.48 -10.51 4.32
O42 7DS B . -6.94 -6.78 9.75
H47 7DS B . -5.85 1.91 8.97
H50 7DS B . -4.85 -2.61 8.02
H51 7DS B . -3.76 -1.91 10.13
H52 7DS B . -5.28 -1.92 10.95
H53 7DS B . -10.87 -4.58 7.75
H54 7DS B . -11.96 -6.29 6.47
H63 7DS B . -4.41 -6.51 10.80
H64 7DS B . -2.99 -6.53 9.82
H61 7DS B . -3.96 -4.55 8.49
H43 7DS B . -7.69 6.41 7.98
H44 7DS B . -5.94 7.28 6.50
H45 7DS B . -4.11 3.40 6.36
H46 7DS B . -7.65 5.11 10.84
H48 7DS B . -6.01 1.43 5.95
H49 7DS B . -5.47 -0.09 9.28
H55 7DS B . -8.21 -8.46 6.21
H56 7DS B . -7.71 -2.11 10.54
H57 7DS B . -9.58 -3.78 10.10
H58 7DS B . -6.17 -6.65 6.68
H59 7DS B . -4.69 -4.14 11.45
H66 7DS B . -4.65 -8.19 9.06
H65 7DS B . -4.27 -7.09 7.81
H67 7DS B . -10.01 -9.23 5.04
H68 7DS B . -13.27 -11.52 3.96
H69 7DS B . -14.06 -9.95 3.58
H70 7DS B . -14.04 -10.56 5.25
S SO4 C . -4.27 25.77 11.53
O1 SO4 C . -3.85 26.78 12.49
O2 SO4 C . -4.46 24.50 12.21
O3 SO4 C . -3.23 25.63 10.50
O4 SO4 C . -5.50 26.19 10.89
S SO4 D . -6.43 -3.24 -11.79
O1 SO4 D . -6.09 -3.87 -10.53
O2 SO4 D . -7.17 -1.98 -11.57
O3 SO4 D . -7.28 -4.15 -12.56
O4 SO4 D . -5.16 -2.91 -12.49
C1 EDO E . -7.12 0.96 13.06
O1 EDO E . -8.34 0.86 13.77
C2 EDO E . -7.32 0.24 11.73
O2 EDO E . -7.71 -1.13 12.00
C1 EDO F . 9.33 -10.48 -17.03
O1 EDO F . 8.09 -11.12 -17.26
C2 EDO F . 9.66 -10.52 -15.51
O2 EDO F . 9.38 -11.80 -14.95
C1 EDO G . -12.79 -5.60 -17.71
O1 EDO G . -13.03 -5.01 -18.97
C2 EDO G . -14.02 -5.47 -16.76
O2 EDO G . -13.98 -6.50 -15.78
C1 EDO H . -8.88 4.60 14.70
O1 EDO H . -8.17 5.12 13.61
C2 EDO H . -10.24 4.07 14.17
O2 EDO H . -10.02 2.94 13.36
C1 EDO I . -4.32 4.44 14.33
O1 EDO I . -5.47 3.82 13.78
C2 EDO I . -4.74 5.76 15.03
O2 EDO I . -5.49 5.42 16.19
C1 EDO J . 12.42 12.80 12.32
O1 EDO J . 11.91 13.83 11.50
C2 EDO J . 13.53 12.07 11.56
O2 EDO J . 13.03 11.50 10.35
C1 EDO K . -12.43 -16.43 -1.66
O1 EDO K . -12.12 -15.33 -0.82
C2 EDO K . -11.26 -17.43 -1.66
O2 EDO K . -11.51 -18.48 -2.59
C1 EDO L . 7.52 13.69 3.40
O1 EDO L . 6.65 14.80 3.40
C2 EDO L . 8.47 13.78 4.60
O2 EDO L . 9.22 14.98 4.48
C1 EDO M . 11.59 7.23 11.67
O1 EDO M . 11.77 7.35 13.08
C2 EDO M . 10.43 6.26 11.38
O2 EDO M . 9.22 6.85 11.79
C1 EDO N . -5.29 7.61 -13.76
O1 EDO N . -5.40 6.26 -14.19
C2 EDO N . -6.30 7.85 -12.63
O2 EDO N . -7.63 7.76 -13.12
C1 EDO O . 13.61 -3.22 -7.22
O1 EDO O . 14.59 -3.41 -6.22
C2 EDO O . 13.69 -4.41 -8.21
O2 EDO O . 13.48 -5.61 -7.48
#